data_3CYL
#
_entry.id   3CYL
#
_cell.length_a   38.922
_cell.length_b   71.369
_cell.length_c   44.259
_cell.angle_alpha   90.00
_cell.angle_beta   102.31
_cell.angle_gamma   90.00
#
_symmetry.space_group_name_H-M   'P 1 21 1'
#
loop_
_entity.id
_entity.type
_entity.pdbx_description
1 polymer 'Phospholipase A2 homolog 2'
2 non-polymer 'SULFATE ION'
3 non-polymer 'VITAMIN E'
4 non-polymer 2-{2-[2-(2-{2-[2-(2-ETHOXY-ETHOXY)-ETHOXY]-ETHOXY}-ETHOXY)-ETHOXY]-ETHOXY}-ETHANOL
5 water water
#
_entity_poly.entity_id   1
_entity_poly.type   'polypeptide(L)'
_entity_poly.pdbx_seq_one_letter_code
;SLFELGKMILQETGKNPAKSYGAYGCNCGVLGRGKPKDATDRCCYVHKCCYKKLTGCNPKKDRYSYSWKDKTIVCGENNP
CLKELCECDKAVAICLRENLGTYNKKYRYHLKPFCKKADDC
;
_entity_poly.pdbx_strand_id   A,B
#
loop_
_chem_comp.id
_chem_comp.type
_chem_comp.name
_chem_comp.formula
PE4 non-polymer 2-{2-[2-(2-{2-[2-(2-ETHOXY-ETHOXY)-ETHOXY]-ETHOXY}-ETHOXY)-ETHOXY]-ETHOXY}-ETHANOL 'C16 H34 O8'
SO4 non-polymer 'SULFATE ION' 'O4 S -2'
VIT non-polymer 'VITAMIN E' 'C29 H50 O2'
#
# COMPACT_ATOMS: atom_id res chain seq x y z
N SER A 1 -4.55 -11.45 -3.88
CA SER A 1 -4.01 -10.14 -4.22
C SER A 1 -4.72 -9.15 -3.31
N LEU A 2 -4.33 -7.88 -3.41
CA LEU A 2 -4.95 -6.89 -2.57
C LEU A 2 -6.45 -6.84 -2.78
N PHE A 3 -6.93 -7.20 -3.98
CA PHE A 3 -8.38 -7.12 -4.21
C PHE A 3 -9.08 -8.09 -3.28
N GLU A 4 -8.61 -9.33 -3.26
CA GLU A 4 -9.23 -10.36 -2.40
C GLU A 4 -9.08 -9.98 -0.93
N LEU A 5 -7.87 -9.60 -0.55
CA LEU A 5 -7.62 -9.24 0.83
C LEU A 5 -8.60 -8.11 1.23
N GLY A 6 -8.69 -7.08 0.41
CA GLY A 6 -9.61 -5.99 0.76
C GLY A 6 -11.05 -6.43 0.87
N LYS A 7 -11.48 -7.26 -0.08
CA LYS A 7 -12.86 -7.72 -0.06
C LYS A 7 -13.12 -8.52 1.23
N MET A 8 -12.18 -9.39 1.61
CA MET A 8 -12.36 -10.17 2.84
C MET A 8 -12.47 -9.27 4.04
N ILE A 9 -11.60 -8.27 4.12
CA ILE A 9 -11.68 -7.35 5.25
C ILE A 9 -13.04 -6.65 5.26
N LEU A 10 -13.48 -6.20 4.10
CA LEU A 10 -14.77 -5.55 4.05
C LEU A 10 -15.87 -6.52 4.50
N GLN A 11 -15.76 -7.76 4.05
CA GLN A 11 -16.77 -8.73 4.41
C GLN A 11 -16.84 -9.07 5.88
N GLU A 12 -15.69 -9.21 6.50
CA GLU A 12 -15.63 -9.58 7.89
C GLU A 12 -15.84 -8.39 8.83
N THR A 13 -15.29 -7.24 8.47
CA THR A 13 -15.41 -6.10 9.37
C THR A 13 -16.50 -5.12 9.08
N GLY A 14 -16.93 -5.12 7.83
CA GLY A 14 -17.95 -4.17 7.43
C GLY A 14 -17.34 -2.81 7.15
N LYS A 15 -16.04 -2.68 7.31
CA LYS A 15 -15.39 -1.39 7.08
C LYS A 15 -14.65 -1.29 5.76
N ASN A 16 -14.58 -0.07 5.23
CA ASN A 16 -13.84 0.21 4.00
C ASN A 16 -12.43 -0.22 4.38
N PRO A 17 -11.88 -1.22 3.70
CA PRO A 17 -10.54 -1.68 4.05
C PRO A 17 -9.39 -0.73 3.88
N ALA A 18 -9.41 0.06 2.82
CA ALA A 18 -8.30 0.96 2.60
C ALA A 18 -8.28 2.03 3.68
N LYS A 19 -9.44 2.60 3.95
CA LYS A 19 -9.53 3.65 4.94
C LYS A 19 -9.18 3.16 6.34
N SER A 20 -9.79 2.06 6.78
CA SER A 20 -9.48 1.57 8.10
C SER A 20 -8.22 0.78 8.29
N TYR A 21 -7.83 0.05 7.26
CA TYR A 21 -6.67 -0.82 7.40
C TYR A 21 -5.55 -0.68 6.40
N GLY A 22 -5.67 0.27 5.47
CA GLY A 22 -4.66 0.48 4.45
C GLY A 22 -3.35 0.96 5.04
N ALA A 23 -3.48 1.68 6.15
CA ALA A 23 -2.37 2.22 6.91
C ALA A 23 -2.89 2.39 8.35
N TYR A 24 -2.58 1.40 9.18
CA TYR A 24 -2.98 1.42 10.56
C TYR A 24 -1.84 0.86 11.32
N GLY A 25 -1.46 1.57 12.38
CA GLY A 25 -0.38 1.13 13.22
C GLY A 25 0.93 0.86 12.50
N CYS A 26 1.68 -0.08 13.06
CA CYS A 26 2.97 -0.43 12.52
C CYS A 26 2.96 -1.59 11.56
N ASN A 27 1.82 -2.21 11.40
CA ASN A 27 1.79 -3.42 10.59
C ASN A 27 0.75 -3.52 9.52
N CYS A 28 -0.29 -2.70 9.57
CA CYS A 28 -1.32 -2.79 8.53
C CYS A 28 -0.91 -1.83 7.45
N GLY A 29 -0.64 -2.32 6.24
CA GLY A 29 -0.24 -1.37 5.21
C GLY A 29 1.06 -1.73 4.56
N VAL A 30 1.71 -0.72 4.01
CA VAL A 30 2.99 -0.97 3.36
C VAL A 30 4.04 -0.98 4.46
N LEU A 31 5.30 -1.15 4.07
CA LEU A 31 6.43 -1.11 4.97
C LEU A 31 6.63 -2.15 6.05
N GLY A 32 6.55 -3.40 5.65
CA GLY A 32 6.79 -4.51 6.55
C GLY A 32 6.16 -4.40 7.93
N ARG A 33 6.83 -4.97 8.92
CA ARG A 33 6.29 -4.98 10.27
C ARG A 33 7.02 -4.06 11.23
N GLY A 34 6.45 -3.98 12.42
CA GLY A 34 7.01 -3.16 13.48
C GLY A 34 6.31 -3.62 14.73
N LYS A 35 6.81 -3.24 15.90
CA LYS A 35 6.18 -3.63 17.13
C LYS A 35 4.74 -3.18 17.02
N PRO A 36 3.77 -4.11 17.16
CA PRO A 36 2.34 -3.75 17.05
C PRO A 36 1.84 -2.77 18.08
N LYS A 37 0.95 -1.88 17.65
CA LYS A 37 0.39 -0.88 18.56
C LYS A 37 -0.75 -1.41 19.40
N ASP A 38 -1.52 -2.34 18.83
CA ASP A 38 -2.65 -2.91 19.56
C ASP A 38 -3.08 -4.20 18.89
N ALA A 39 -4.22 -4.73 19.31
CA ALA A 39 -4.70 -6.02 18.77
C ALA A 39 -4.91 -5.94 17.27
N THR A 40 -5.59 -4.89 16.84
CA THR A 40 -5.81 -4.74 15.41
C THR A 40 -4.51 -4.82 14.65
N ASP A 41 -3.51 -4.04 15.10
CA ASP A 41 -2.20 -4.01 14.50
C ASP A 41 -1.55 -5.40 14.54
N ARG A 42 -1.71 -6.10 15.67
CA ARG A 42 -1.17 -7.46 15.85
C ARG A 42 -1.71 -8.35 14.73
N CYS A 43 -2.99 -8.20 14.39
CA CYS A 43 -3.53 -9.01 13.30
C CYS A 43 -2.68 -8.87 12.03
N CYS A 44 -2.36 -7.62 11.71
CA CYS A 44 -1.60 -7.31 10.52
C CYS A 44 -0.21 -7.81 10.62
N TYR A 45 0.32 -7.83 11.84
CA TYR A 45 1.67 -8.36 12.06
C TYR A 45 1.74 -9.88 11.69
N VAL A 46 0.81 -10.64 12.25
CA VAL A 46 0.68 -12.07 12.03
C VAL A 46 0.47 -12.26 10.54
N HIS A 47 -0.34 -11.39 9.95
CA HIS A 47 -0.64 -11.48 8.54
C HIS A 47 0.64 -11.33 7.72
N LYS A 48 1.47 -10.34 8.05
CA LYS A 48 2.69 -10.22 7.28
C LYS A 48 3.62 -11.40 7.45
N CYS A 49 3.67 -11.96 8.66
CA CYS A 49 4.49 -13.12 8.90
C CYS A 49 3.90 -14.28 8.12
N CYS A 50 2.59 -14.32 8.04
CA CYS A 50 1.95 -15.41 7.26
C CYS A 50 2.43 -15.37 5.80
N TYR A 51 2.50 -14.17 5.22
CA TYR A 51 2.94 -14.00 3.86
C TYR A 51 4.38 -14.47 3.67
N LYS A 52 5.21 -14.30 4.70
CA LYS A 52 6.60 -14.69 4.56
C LYS A 52 6.78 -16.15 4.19
N LYS A 53 5.87 -16.98 4.66
CA LYS A 53 5.96 -18.40 4.45
C LYS A 53 5.54 -18.83 3.06
N LEU A 54 4.94 -17.93 2.29
CA LEU A 54 4.47 -18.25 0.95
C LEU A 54 5.59 -18.43 -0.06
N THR A 55 5.47 -19.47 -0.87
CA THR A 55 6.45 -19.72 -1.92
C THR A 55 5.73 -19.98 -3.22
N GLY A 56 6.04 -19.21 -4.25
CA GLY A 56 5.43 -19.46 -5.53
C GLY A 56 4.32 -18.56 -5.93
N CYS A 57 3.96 -17.60 -5.09
CA CYS A 57 2.92 -16.69 -5.50
C CYS A 57 3.14 -15.31 -4.95
N ASN A 58 2.53 -14.33 -5.60
CA ASN A 58 2.68 -12.95 -5.20
C ASN A 58 1.44 -12.52 -4.43
N PRO A 59 1.57 -12.33 -3.11
CA PRO A 59 0.45 -11.93 -2.24
C PRO A 59 -0.20 -10.62 -2.67
N LYS A 60 0.59 -9.76 -3.28
CA LYS A 60 0.10 -8.47 -3.68
C LYS A 60 -0.74 -8.52 -4.94
N LYS A 61 -0.24 -9.17 -5.97
CA LYS A 61 -0.96 -9.16 -7.23
C LYS A 61 -1.66 -10.40 -7.74
N ASP A 62 -1.25 -11.57 -7.26
CA ASP A 62 -1.90 -12.78 -7.70
C ASP A 62 -3.29 -12.89 -7.13
N ARG A 63 -4.28 -12.93 -8.01
CA ARG A 63 -5.66 -13.08 -7.60
C ARG A 63 -5.95 -14.57 -7.34
N TYR A 64 -7.02 -14.84 -6.61
CA TYR A 64 -7.41 -16.22 -6.30
C TYR A 64 -8.88 -16.28 -6.03
N SER A 65 -9.38 -17.49 -5.93
CA SER A 65 -10.78 -17.65 -5.71
C SER A 65 -11.14 -18.10 -4.32
N TYR A 66 -12.25 -17.55 -3.86
CA TYR A 66 -12.80 -17.95 -2.59
C TYR A 66 -14.26 -17.62 -2.71
N SER A 67 -15.05 -18.21 -1.83
CA SER A 67 -16.46 -17.99 -1.84
C SER A 67 -16.94 -17.59 -0.46
N TRP A 68 -18.10 -16.98 -0.44
CA TRP A 68 -18.73 -16.53 0.78
C TRP A 68 -19.84 -17.54 0.96
N LYS A 69 -19.64 -18.51 1.85
CA LYS A 69 -20.61 -19.56 2.11
C LYS A 69 -21.02 -19.54 3.56
N ASP A 70 -22.31 -19.37 3.80
CA ASP A 70 -22.82 -19.31 5.15
C ASP A 70 -22.01 -18.20 5.89
N LYS A 71 -21.84 -17.06 5.20
CA LYS A 71 -21.12 -15.92 5.75
C LYS A 71 -19.75 -16.25 6.34
N THR A 72 -19.03 -17.08 5.60
CA THR A 72 -17.71 -17.48 5.99
C THR A 72 -16.90 -17.47 4.70
N ILE A 73 -15.65 -17.00 4.81
CA ILE A 73 -14.72 -16.97 3.69
C ILE A 73 -14.26 -18.42 3.50
N VAL A 74 -14.51 -18.98 2.32
CA VAL A 74 -14.09 -20.35 2.04
C VAL A 74 -13.15 -20.31 0.87
N CYS A 75 -11.88 -20.52 1.14
CA CYS A 75 -10.83 -20.48 0.12
C CYS A 75 -11.01 -21.57 -0.94
N GLY A 76 -10.82 -21.19 -2.21
CA GLY A 76 -10.91 -22.14 -3.31
C GLY A 76 -9.64 -22.99 -3.27
N GLU A 77 -9.67 -24.17 -3.88
CA GLU A 77 -8.49 -25.00 -3.88
C GLU A 77 -7.34 -24.24 -4.50
N ASN A 78 -7.61 -23.45 -5.54
CA ASN A 78 -6.57 -22.68 -6.24
C ASN A 78 -5.36 -23.57 -6.47
N ASN A 79 -4.21 -23.30 -5.83
CA ASN A 79 -3.02 -24.16 -5.85
C ASN A 79 -2.42 -23.99 -4.43
N PRO A 80 -1.43 -24.80 -4.00
CA PRO A 80 -0.90 -24.64 -2.63
C PRO A 80 -0.59 -23.26 -2.14
N CYS A 81 0.22 -22.52 -2.88
CA CYS A 81 0.58 -21.16 -2.46
C CYS A 81 -0.64 -20.25 -2.39
N LEU A 82 -1.46 -20.25 -3.44
CA LEU A 82 -2.65 -19.40 -3.44
C LEU A 82 -3.61 -19.79 -2.34
N LYS A 83 -3.72 -21.08 -2.05
CA LYS A 83 -4.63 -21.47 -0.99
C LYS A 83 -4.08 -20.95 0.34
N GLU A 84 -2.78 -21.08 0.54
CA GLU A 84 -2.19 -20.60 1.80
C GLU A 84 -2.33 -19.09 1.91
N LEU A 85 -2.17 -18.41 0.78
CA LEU A 85 -2.31 -16.98 0.72
C LEU A 85 -3.74 -16.56 1.10
N CYS A 86 -4.70 -17.28 0.53
CA CYS A 86 -6.11 -17.01 0.80
C CYS A 86 -6.35 -17.22 2.31
N GLU A 87 -5.79 -18.29 2.86
CA GLU A 87 -5.97 -18.55 4.29
C GLU A 87 -5.28 -17.42 5.10
N CYS A 88 -4.12 -16.93 4.66
CA CYS A 88 -3.50 -15.79 5.37
C CYS A 88 -4.48 -14.60 5.38
N ASP A 89 -5.04 -14.28 4.22
CA ASP A 89 -5.97 -13.16 4.11
C ASP A 89 -7.23 -13.39 4.90
N LYS A 90 -7.80 -14.58 4.82
CA LYS A 90 -9.01 -14.85 5.58
C LYS A 90 -8.71 -14.65 7.06
N ALA A 91 -7.54 -15.13 7.51
CA ALA A 91 -7.24 -15.00 8.96
C ALA A 91 -7.15 -13.55 9.40
N VAL A 92 -6.51 -12.73 8.58
CA VAL A 92 -6.39 -11.36 9.03
C VAL A 92 -7.74 -10.70 9.02
N ALA A 93 -8.58 -11.02 8.05
CA ALA A 93 -9.90 -10.38 8.04
C ALA A 93 -10.67 -10.78 9.29
N ILE A 94 -10.66 -12.05 9.64
CA ILE A 94 -11.36 -12.52 10.83
C ILE A 94 -10.81 -11.80 12.08
N CYS A 95 -9.50 -11.75 12.15
CA CYS A 95 -8.82 -11.15 13.29
C CYS A 95 -9.17 -9.66 13.43
N LEU A 96 -9.23 -8.95 12.32
CA LEU A 96 -9.58 -7.53 12.42
C LEU A 96 -11.01 -7.40 12.95
N ARG A 97 -11.91 -8.26 12.47
CA ARG A 97 -13.30 -8.18 12.95
C ARG A 97 -13.34 -8.47 14.42
N GLU A 98 -12.65 -9.52 14.84
CA GLU A 98 -12.68 -9.86 16.28
C GLU A 98 -12.13 -8.74 17.18
N ASN A 99 -11.29 -7.90 16.62
CA ASN A 99 -10.72 -6.82 17.40
C ASN A 99 -11.21 -5.44 17.06
N LEU A 100 -12.32 -5.38 16.33
CA LEU A 100 -12.88 -4.11 15.92
C LEU A 100 -13.18 -3.22 17.13
N GLY A 101 -13.56 -3.86 18.22
CA GLY A 101 -13.90 -3.14 19.43
C GLY A 101 -12.82 -2.25 19.98
N THR A 102 -11.55 -2.56 19.73
CA THR A 102 -10.50 -1.73 20.23
C THR A 102 -9.80 -0.96 19.12
N TYR A 103 -10.38 -0.98 17.93
CA TYR A 103 -9.81 -0.20 16.85
C TYR A 103 -9.71 1.24 17.34
N ASN A 104 -8.58 1.88 17.10
CA ASN A 104 -8.39 3.26 17.51
C ASN A 104 -8.02 4.10 16.33
N LYS A 105 -8.89 5.01 15.96
CA LYS A 105 -8.58 5.84 14.83
C LYS A 105 -7.30 6.60 15.00
N LYS A 106 -6.74 6.69 16.21
CA LYS A 106 -5.50 7.44 16.32
C LYS A 106 -4.34 6.74 15.60
N TYR A 107 -4.47 5.45 15.38
CA TYR A 107 -3.43 4.69 14.69
C TYR A 107 -3.58 4.63 13.19
N ARG A 108 -4.67 5.19 12.68
CA ARG A 108 -4.87 5.24 11.25
C ARG A 108 -3.85 6.28 10.74
N TYR A 109 -3.13 5.93 9.69
CA TYR A 109 -2.09 6.76 9.08
C TYR A 109 -0.90 6.94 10.01
N HIS A 110 -0.73 6.00 10.91
CA HIS A 110 0.40 6.06 11.82
C HIS A 110 1.69 6.14 11.00
N LEU A 111 2.62 7.00 11.45
CA LEU A 111 3.87 7.14 10.72
C LEU A 111 4.77 5.96 11.02
N LYS A 112 4.87 5.14 9.99
CA LYS A 112 5.65 3.92 9.96
C LYS A 112 7.04 4.16 10.54
N PRO A 113 7.65 5.29 10.22
CA PRO A 113 8.97 5.60 10.74
C PRO A 113 8.93 6.06 12.20
N PHE A 114 7.99 5.52 12.97
CA PHE A 114 7.83 5.81 14.40
C PHE A 114 7.29 4.51 15.00
N CYS A 115 7.89 3.44 14.51
CA CYS A 115 7.60 2.08 14.94
C CYS A 115 8.89 1.45 15.34
N LYS A 116 8.86 0.72 16.44
CA LYS A 116 10.02 0.01 16.87
C LYS A 116 10.18 -1.18 15.93
N LYS A 117 11.40 -1.66 15.80
CA LYS A 117 11.68 -2.78 14.93
C LYS A 117 10.99 -4.05 15.41
N ALA A 118 10.29 -4.72 14.51
CA ALA A 118 9.60 -5.95 14.87
C ALA A 118 10.58 -7.08 15.06
N ASP A 119 10.19 -8.04 15.88
CA ASP A 119 11.00 -9.21 16.08
C ASP A 119 10.76 -9.99 14.78
N ASP A 120 11.64 -10.95 14.51
CA ASP A 120 11.51 -11.75 13.32
C ASP A 120 10.33 -12.66 13.55
N CYS A 121 9.68 -13.06 12.47
CA CYS A 121 8.53 -13.92 12.59
C CYS A 121 8.86 -15.22 13.31
N SER B 1 12.74 2.45 -2.04
CA SER B 1 11.65 1.68 -1.47
C SER B 1 10.53 2.61 -1.03
N LEU B 2 9.43 1.99 -0.60
CA LEU B 2 8.29 2.78 -0.17
C LEU B 2 8.67 3.66 0.96
N PHE B 3 9.67 3.25 1.75
CA PHE B 3 10.06 4.13 2.83
C PHE B 3 10.55 5.48 2.26
N GLU B 4 11.45 5.44 1.28
CA GLU B 4 11.97 6.71 0.75
C GLU B 4 10.86 7.47 0.04
N LEU B 5 10.02 6.75 -0.69
CA LEU B 5 8.96 7.43 -1.42
C LEU B 5 8.05 8.17 -0.44
N GLY B 6 7.65 7.48 0.61
CA GLY B 6 6.77 8.11 1.58
C GLY B 6 7.43 9.33 2.20
N LYS B 7 8.73 9.26 2.50
CA LYS B 7 9.41 10.39 3.09
C LYS B 7 9.44 11.56 2.10
N MET B 8 9.75 11.28 0.84
CA MET B 8 9.78 12.34 -0.14
C MET B 8 8.43 13.00 -0.26
N ILE B 9 7.38 12.19 -0.23
CA ILE B 9 6.07 12.77 -0.38
C ILE B 9 5.78 13.70 0.77
N LEU B 10 6.15 13.30 1.97
CA LEU B 10 5.93 14.14 3.14
C LEU B 10 6.75 15.41 2.96
N GLN B 11 8.01 15.23 2.60
CA GLN B 11 8.88 16.37 2.42
C GLN B 11 8.39 17.39 1.44
N GLU B 12 7.87 16.91 0.32
CA GLU B 12 7.44 17.85 -0.70
C GLU B 12 6.07 18.40 -0.40
N THR B 13 5.14 17.52 -0.06
CA THR B 13 3.81 17.99 0.16
C THR B 13 3.51 18.46 1.55
N GLY B 14 4.26 18.01 2.56
CA GLY B 14 3.95 18.38 3.93
C GLY B 14 2.78 17.56 4.50
N LYS B 15 2.25 16.65 3.69
CA LYS B 15 1.12 15.83 4.10
C LYS B 15 1.52 14.40 4.41
N ASN B 16 0.82 13.81 5.36
CA ASN B 16 1.00 12.41 5.74
C ASN B 16 0.70 11.70 4.43
N PRO B 17 1.66 10.89 3.95
CA PRO B 17 1.41 10.23 2.67
C PRO B 17 0.29 9.23 2.54
N ALA B 18 0.14 8.40 3.56
CA ALA B 18 -0.90 7.40 3.55
C ALA B 18 -2.24 8.10 3.58
N LYS B 19 -2.38 9.11 4.42
CA LYS B 19 -3.66 9.80 4.52
C LYS B 19 -4.10 10.43 3.20
N SER B 20 -3.20 11.21 2.60
CA SER B 20 -3.57 11.89 1.37
C SER B 20 -3.44 11.11 0.09
N TYR B 21 -2.49 10.19 0.04
CA TYR B 21 -2.21 9.43 -1.18
C TYR B 21 -2.23 7.90 -1.12
N GLY B 22 -2.51 7.34 0.04
CA GLY B 22 -2.56 5.89 0.16
C GLY B 22 -3.65 5.27 -0.69
N ALA B 23 -4.70 6.03 -0.97
CA ALA B 23 -5.81 5.54 -1.82
C ALA B 23 -6.47 6.79 -2.32
N TYR B 24 -6.01 7.24 -3.48
CA TYR B 24 -6.53 8.43 -4.08
C TYR B 24 -6.67 8.16 -5.55
N GLY B 25 -7.86 8.39 -6.03
CA GLY B 25 -8.12 8.19 -7.42
C GLY B 25 -7.94 6.76 -7.88
N CYS B 26 -7.52 6.64 -9.13
CA CYS B 26 -7.32 5.33 -9.78
C CYS B 26 -5.90 4.86 -9.80
N ASN B 27 -4.99 5.69 -9.33
CA ASN B 27 -3.56 5.36 -9.38
C ASN B 27 -2.76 5.54 -8.12
N CYS B 28 -3.24 6.35 -7.19
CA CYS B 28 -2.45 6.57 -5.99
C CYS B 28 -2.73 5.52 -4.92
N GLY B 29 -1.74 4.69 -4.62
CA GLY B 29 -1.89 3.67 -3.58
C GLY B 29 -2.58 2.40 -4.01
N VAL B 30 -3.61 2.57 -4.77
CA VAL B 30 -4.40 1.45 -5.24
C VAL B 30 -3.54 0.47 -6.02
N LEU B 31 -4.05 -0.73 -6.25
CA LEU B 31 -3.27 -1.64 -7.03
C LEU B 31 -3.55 -1.31 -8.52
N GLY B 32 -2.49 -1.30 -9.31
CA GLY B 32 -2.61 -1.03 -10.72
C GLY B 32 -2.92 0.41 -11.11
N ARG B 33 -3.09 0.59 -12.40
CA ARG B 33 -3.36 1.89 -12.97
C ARG B 33 -4.79 2.02 -13.51
N GLY B 34 -5.19 3.25 -13.73
CA GLY B 34 -6.51 3.53 -14.25
C GLY B 34 -6.47 4.91 -14.85
N LYS B 35 -7.44 5.26 -15.67
CA LYS B 35 -7.45 6.58 -16.26
C LYS B 35 -7.43 7.57 -15.08
N PRO B 36 -6.46 8.49 -15.05
CA PRO B 36 -6.41 9.45 -13.92
C PRO B 36 -7.68 10.28 -13.77
N LYS B 37 -8.12 10.48 -12.53
CA LYS B 37 -9.28 11.29 -12.27
C LYS B 37 -8.93 12.78 -12.28
N ASP B 38 -7.68 13.10 -11.97
CA ASP B 38 -7.25 14.51 -11.93
C ASP B 38 -5.71 14.54 -11.93
N ALA B 39 -5.13 15.72 -11.74
CA ALA B 39 -3.69 15.86 -11.80
C ALA B 39 -2.94 15.06 -10.75
N THR B 40 -3.42 15.12 -9.53
CA THR B 40 -2.78 14.37 -8.46
C THR B 40 -2.74 12.90 -8.85
N ASP B 41 -3.87 12.41 -9.36
CA ASP B 41 -3.98 11.00 -9.72
C ASP B 41 -3.04 10.72 -10.89
N ARG B 42 -2.93 11.66 -11.82
CA ARG B 42 -2.03 11.50 -12.96
C ARG B 42 -0.59 11.41 -12.48
N CYS B 43 -0.25 12.14 -11.43
CA CYS B 43 1.10 12.02 -10.92
C CYS B 43 1.38 10.56 -10.60
N CYS B 44 0.43 9.90 -9.94
CA CYS B 44 0.60 8.50 -9.53
C CYS B 44 0.67 7.57 -10.72
N TYR B 45 -0.09 7.92 -11.75
CA TYR B 45 -0.09 7.13 -12.97
C TYR B 45 1.30 7.20 -13.61
N VAL B 46 1.81 8.42 -13.76
CA VAL B 46 3.12 8.64 -14.34
C VAL B 46 4.15 7.85 -13.48
N HIS B 47 3.97 7.92 -12.18
CA HIS B 47 4.87 7.23 -11.27
C HIS B 47 4.90 5.73 -11.52
N LYS B 48 3.72 5.11 -11.61
CA LYS B 48 3.67 3.67 -11.87
C LYS B 48 4.30 3.29 -13.22
N CYS B 49 4.07 4.14 -14.20
CA CYS B 49 4.67 3.92 -15.50
C CYS B 49 6.21 4.07 -15.40
N CYS B 50 6.66 5.00 -14.58
CA CYS B 50 8.09 5.22 -14.37
C CYS B 50 8.67 3.93 -13.78
N TYR B 51 7.95 3.34 -12.83
CA TYR B 51 8.41 2.11 -12.18
C TYR B 51 8.47 0.97 -13.18
N LYS B 52 7.46 0.93 -14.04
CA LYS B 52 7.38 -0.11 -15.05
C LYS B 52 8.64 -0.11 -15.90
N LYS B 53 9.26 1.06 -16.07
CA LYS B 53 10.46 1.19 -16.88
C LYS B 53 11.75 0.67 -16.30
N LEU B 54 11.78 0.52 -14.99
CA LEU B 54 12.97 0.08 -14.29
C LEU B 54 13.33 -1.38 -14.58
N THR B 55 14.62 -1.65 -14.54
CA THR B 55 15.09 -3.01 -14.76
C THR B 55 16.35 -3.07 -13.92
N GLY B 56 16.43 -4.06 -13.05
CA GLY B 56 17.62 -4.17 -12.23
C GLY B 56 17.34 -3.92 -10.77
N CYS B 57 16.15 -3.47 -10.43
CA CYS B 57 15.85 -3.26 -9.02
C CYS B 57 14.38 -3.34 -8.71
N ASN B 58 14.09 -3.56 -7.44
CA ASN B 58 12.73 -3.69 -6.96
C ASN B 58 12.29 -2.31 -6.42
N PRO B 59 11.31 -1.66 -7.07
CA PRO B 59 10.86 -0.34 -6.63
C PRO B 59 10.28 -0.32 -5.23
N LYS B 60 9.62 -1.39 -4.83
CA LYS B 60 9.02 -1.45 -3.52
C LYS B 60 10.01 -1.78 -2.43
N LYS B 61 10.92 -2.72 -2.71
CA LYS B 61 11.88 -3.20 -1.74
C LYS B 61 13.25 -2.57 -1.62
N ASP B 62 13.82 -2.15 -2.73
CA ASP B 62 15.17 -1.62 -2.70
C ASP B 62 15.32 -0.24 -2.12
N ARG B 63 16.15 -0.15 -1.10
CA ARG B 63 16.43 1.12 -0.44
C ARG B 63 17.41 1.87 -1.34
N TYR B 64 17.45 3.17 -1.22
CA TYR B 64 18.43 3.94 -1.94
C TYR B 64 18.63 5.17 -1.09
N SER B 65 19.72 5.87 -1.36
CA SER B 65 20.04 7.04 -0.61
C SER B 65 19.66 8.32 -1.30
N TYR B 66 19.26 9.31 -0.52
CA TYR B 66 18.99 10.60 -1.12
C TYR B 66 19.11 11.61 0.00
N SER B 67 19.23 12.87 -0.35
CA SER B 67 19.37 13.86 0.68
C SER B 67 18.44 15.00 0.44
N TRP B 68 18.39 15.90 1.42
CA TRP B 68 17.55 17.07 1.38
C TRP B 68 18.53 18.22 1.41
N LYS B 69 18.70 18.85 0.26
CA LYS B 69 19.66 19.94 0.17
C LYS B 69 18.98 21.15 -0.40
N ASP B 70 19.11 22.30 0.26
CA ASP B 70 18.43 23.51 -0.23
C ASP B 70 16.96 23.19 -0.54
N LYS B 71 16.34 22.44 0.37
CA LYS B 71 14.93 22.00 0.31
C LYS B 71 14.55 21.36 -1.02
N THR B 72 15.47 20.52 -1.50
CA THR B 72 15.32 19.81 -2.76
C THR B 72 15.72 18.37 -2.45
N ILE B 73 15.05 17.43 -3.08
CA ILE B 73 15.32 16.00 -2.92
C ILE B 73 16.50 15.78 -3.88
N VAL B 74 17.60 15.26 -3.37
CA VAL B 74 18.73 15.06 -4.24
C VAL B 74 19.08 13.59 -4.13
N CYS B 75 18.82 12.86 -5.21
CA CYS B 75 19.11 11.43 -5.22
C CYS B 75 20.62 11.25 -5.04
N GLY B 76 21.00 10.18 -4.38
CA GLY B 76 22.41 9.93 -4.10
C GLY B 76 22.81 8.53 -4.53
N GLU B 77 22.55 8.25 -5.80
CA GLU B 77 22.89 6.93 -6.30
C GLU B 77 23.53 7.04 -7.64
N ASN B 78 24.39 6.07 -7.96
CA ASN B 78 25.01 6.07 -9.26
C ASN B 78 24.47 4.87 -10.05
N ASN B 79 24.13 3.80 -9.35
CA ASN B 79 23.57 2.61 -9.99
C ASN B 79 22.39 3.10 -10.81
N PRO B 80 22.36 2.80 -12.11
CA PRO B 80 21.29 3.26 -12.99
C PRO B 80 19.87 3.02 -12.52
N CYS B 81 19.57 1.82 -12.03
CA CYS B 81 18.21 1.52 -11.57
C CYS B 81 17.85 2.24 -10.29
N LEU B 82 18.77 2.25 -9.32
CA LEU B 82 18.44 2.93 -8.06
C LEU B 82 18.35 4.43 -8.32
N LYS B 83 19.19 4.94 -9.22
CA LYS B 83 19.14 6.35 -9.56
C LYS B 83 17.79 6.64 -10.22
N GLU B 84 17.44 5.87 -11.24
CA GLU B 84 16.15 6.09 -11.91
C GLU B 84 14.99 5.91 -10.93
N LEU B 85 15.11 4.93 -10.04
CA LEU B 85 14.05 4.68 -9.09
C LEU B 85 13.86 5.88 -8.18
N CYS B 86 14.98 6.36 -7.65
CA CYS B 86 14.97 7.51 -6.81
C CYS B 86 14.33 8.69 -7.55
N GLU B 87 14.71 8.83 -8.80
CA GLU B 87 14.19 9.93 -9.61
C GLU B 87 12.70 9.78 -9.86
N CYS B 88 12.24 8.55 -9.96
CA CYS B 88 10.81 8.33 -10.16
C CYS B 88 10.08 8.83 -8.93
N ASP B 89 10.62 8.47 -7.77
CA ASP B 89 10.00 8.84 -6.50
C ASP B 89 10.01 10.32 -6.26
N LYS B 90 11.15 10.91 -6.57
CA LYS B 90 11.30 12.34 -6.44
C LYS B 90 10.25 13.04 -7.33
N ALA B 91 10.12 12.56 -8.57
CA ALA B 91 9.16 13.19 -9.51
C ALA B 91 7.72 13.10 -8.98
N VAL B 92 7.33 11.93 -8.48
CA VAL B 92 5.96 11.86 -7.99
C VAL B 92 5.74 12.73 -6.74
N ALA B 93 6.75 12.83 -5.86
CA ALA B 93 6.61 13.67 -4.67
C ALA B 93 6.38 15.11 -5.10
N ILE B 94 7.20 15.58 -6.03
CA ILE B 94 7.10 16.94 -6.54
C ILE B 94 5.80 17.19 -7.24
N CYS B 95 5.42 16.23 -8.05
CA CYS B 95 4.19 16.33 -8.78
C CYS B 95 2.98 16.42 -7.83
N LEU B 96 2.99 15.60 -6.79
CA LEU B 96 1.86 15.62 -5.89
C LEU B 96 1.79 16.99 -5.26
N ARG B 97 2.94 17.51 -4.85
CA ARG B 97 2.96 18.83 -4.24
C ARG B 97 2.45 19.88 -5.24
N GLU B 98 2.97 19.82 -6.44
CA GLU B 98 2.59 20.77 -7.48
C GLU B 98 1.12 20.75 -7.82
N ASN B 99 0.44 19.66 -7.48
CA ASN B 99 -0.99 19.57 -7.78
C ASN B 99 -1.91 19.59 -6.59
N LEU B 100 -1.36 20.04 -5.45
CA LEU B 100 -2.17 20.12 -4.24
C LEU B 100 -3.30 21.08 -4.49
N GLY B 101 -3.07 22.05 -5.40
CA GLY B 101 -4.07 23.04 -5.70
C GLY B 101 -5.37 22.48 -6.22
N THR B 102 -5.33 21.31 -6.85
CA THR B 102 -6.56 20.72 -7.32
C THR B 102 -6.85 19.39 -6.64
N TYR B 103 -6.08 19.08 -5.60
CA TYR B 103 -6.32 17.87 -4.83
C TYR B 103 -7.78 17.92 -4.37
N ASN B 104 -8.51 16.81 -4.50
CA ASN B 104 -9.91 16.81 -4.11
C ASN B 104 -10.17 15.61 -3.23
N LYS B 105 -10.55 15.85 -1.98
CA LYS B 105 -10.79 14.74 -1.07
C LYS B 105 -11.81 13.71 -1.52
N LYS B 106 -12.71 14.09 -2.42
CA LYS B 106 -13.71 13.16 -2.88
C LYS B 106 -13.06 11.98 -3.59
N TYR B 107 -11.79 12.12 -3.97
CA TYR B 107 -11.13 11.02 -4.63
C TYR B 107 -10.40 10.12 -3.64
N ARG B 108 -10.42 10.47 -2.36
CA ARG B 108 -9.81 9.59 -1.37
C ARG B 108 -10.70 8.36 -1.35
N TYR B 109 -10.09 7.19 -1.32
CA TYR B 109 -10.85 5.95 -1.28
C TYR B 109 -11.83 5.82 -2.44
N HIS B 110 -11.43 6.34 -3.58
CA HIS B 110 -12.21 6.25 -4.82
C HIS B 110 -12.49 4.78 -5.07
N LEU B 111 -13.70 4.44 -5.51
CA LEU B 111 -14.00 3.05 -5.81
C LEU B 111 -13.55 2.66 -7.22
N LYS B 112 -12.80 1.58 -7.29
CA LYS B 112 -12.22 1.06 -8.53
C LYS B 112 -13.20 0.90 -9.69
N PRO B 113 -14.42 0.41 -9.41
CA PRO B 113 -15.37 0.24 -10.51
C PRO B 113 -15.55 1.53 -11.30
N PHE B 114 -15.37 2.68 -10.64
CA PHE B 114 -15.50 3.96 -11.34
C PHE B 114 -14.29 4.30 -12.20
N CYS B 115 -13.23 3.50 -12.09
CA CYS B 115 -12.03 3.74 -12.87
C CYS B 115 -12.11 3.16 -14.28
N LYS B 116 -11.75 3.97 -15.25
CA LYS B 116 -11.71 3.53 -16.63
C LYS B 116 -10.28 2.94 -16.86
N LYS B 117 -10.08 2.22 -17.94
CA LYS B 117 -8.78 1.61 -18.21
C LYS B 117 -7.74 2.68 -18.50
N ALA B 118 -6.54 2.46 -18.00
CA ALA B 118 -5.45 3.40 -18.21
C ALA B 118 -4.90 3.25 -19.63
N ASP B 119 -4.37 4.34 -20.22
CA ASP B 119 -3.77 4.25 -21.56
C ASP B 119 -2.50 3.50 -21.21
N ASP B 120 -1.88 2.70 -22.08
CA ASP B 120 -0.69 2.06 -21.51
C ASP B 120 0.49 3.01 -21.44
N CYS B 121 1.43 2.66 -20.58
CA CYS B 121 2.59 3.48 -20.36
C CYS B 121 3.41 3.68 -21.61
S SO4 C . 9.46 -7.43 8.06
O1 SO4 C . 10.06 -7.38 6.70
O2 SO4 C . 8.18 -8.15 8.01
O3 SO4 C . 9.29 -6.05 8.56
O4 SO4 C . 10.34 -8.16 8.99
S SO4 D . -14.68 6.20 10.04
O1 SO4 D . -15.56 6.67 11.12
O2 SO4 D . -15.35 6.46 8.74
O3 SO4 D . -13.42 6.97 10.03
O4 SO4 D . -14.42 4.76 10.21
S SO4 E . -15.55 -17.33 10.78
O1 SO4 E . -16.34 -18.50 11.20
O2 SO4 E . -16.51 -16.22 10.72
O3 SO4 E . -14.50 -17.04 11.81
O4 SO4 E . -14.89 -17.53 9.49
C1 VIT F . -12.34 -1.76 -1.10
C2 VIT F . 1.15 -5.10 1.73
C3 VIT F . -0.20 -4.41 2.11
C4 VIT F . -0.69 -3.15 1.47
C5 VIT F . 0.16 -2.51 0.37
C6 VIT F . 1.56 -3.17 -0.07
C7 VIT F . 2.02 -4.46 0.64
C8 VIT F . 1.64 -6.44 2.43
O1 VIT F . -2.02 -2.49 1.87
C9 VIT F . -2.96 -3.06 2.97
C10 VIT F . -1.10 -5.03 3.19
C11 VIT F . -2.51 -4.36 3.63
C12 VIT F . -0.40 -1.22 -0.26
C13 VIT F . 2.49 -2.58 -1.19
O2 VIT F . 3.23 -5.07 0.28
C14 VIT F . -3.03 -2.45 4.27
C15 VIT F . -4.23 -3.57 2.30
C16 VIT F . -5.66 -3.31 2.87
C17 VIT F . -6.81 -2.90 1.85
C18 VIT F . -6.78 -3.29 0.31
C19 VIT F . -6.54 -4.75 0.02
C20 VIT F . -8.08 -2.74 -0.41
C21 VIT F . -8.97 -3.63 -1.32
C22 VIT F . -10.13 -2.94 -1.89
C23 VIT F . -11.61 -3.08 -1.32
C24 VIT F . -12.58 -3.94 -2.26
C25 VIT F . -14.04 -4.19 -1.92
C26 VIT F . -14.80 -5.29 -2.79
C27 VIT F . -15.72 -4.72 -3.96
C28 VIT F . -16.40 -5.87 -4.70
C29 VIT F . -16.88 -3.79 -3.47
S SO4 G . -7.04 16.71 5.58
O1 SO4 G . -7.50 18.09 5.42
O2 SO4 G . -8.16 15.79 5.33
O3 SO4 G . -5.91 16.43 4.65
O4 SO4 G . -6.57 16.54 6.98
S SO4 H . -1.72 15.79 7.40
O1 SO4 H . -3.04 16.46 7.35
O2 SO4 H . -1.57 14.96 6.20
O3 SO4 H . -0.67 16.82 7.44
O4 SO4 H . -1.61 14.96 8.61
C1 VIT I . 7.95 6.12 4.73
C2 VIT I . 3.31 2.91 -5.92
C3 VIT I . 2.62 3.80 -4.82
C4 VIT I . 2.17 3.12 -3.59
C5 VIT I . 2.40 1.69 -3.26
C6 VIT I . 3.10 0.78 -4.34
C7 VIT I . 3.54 1.43 -5.67
C8 VIT I . 3.78 3.47 -7.25
O1 VIT I . 2.28 4.18 -2.47
C9 VIT I . 1.27 5.35 -2.41
C10 VIT I . 2.33 5.42 -4.95
C11 VIT I . 1.59 6.27 -3.68
C12 VIT I . 1.94 1.19 -1.90
C13 VIT I . 3.38 -0.70 -4.14
O2 VIT I . 4.14 0.66 -6.65
C14 VIT I . 0.28 4.99 -1.37
C15 VIT I . 1.66 6.61 -1.50
C16 VIT I . 2.09 6.41 0.02
C17 VIT I . 3.60 6.47 0.22
C18 VIT I . 4.22 5.41 1.20
C19 VIT I . 5.46 4.89 0.61
C20 VIT I . 4.45 6.05 2.53
C21 VIT I . 5.15 5.52 3.77
C22 VIT I . 5.68 6.89 4.44
C23 VIT I . 6.86 6.92 5.44
C24 VIT I . 7.42 8.42 5.74
C25 VIT I . 7.38 8.99 7.24
C26 VIT I . 8.24 10.26 7.69
C27 VIT I . 8.20 10.84 9.23
C28 VIT I . 9.09 12.06 9.46
C29 VIT I . 6.89 11.34 9.69
O1 PE4 J . 8.17 16.06 10.18
C1 PE4 J . 7.87 16.52 8.86
C2 PE4 J . 6.81 17.59 8.68
O2 PE4 J . 6.73 17.89 7.16
C3 PE4 J . 7.71 18.61 6.62
C4 PE4 J . 7.95 18.55 5.16
O3 PE4 J . 9.29 19.03 4.96
C5 PE4 J . 10.34 18.09 5.43
C6 PE4 J . 11.77 18.47 5.28
O4 PE4 J . 12.80 17.45 5.79
C7 PE4 J . 12.55 16.10 6.38
C8 PE4 J . 13.89 15.31 6.87
O5 PE4 J . 14.75 14.68 5.84
C9 PE4 J . 16.11 14.73 5.96
C10 PE4 J . 16.77 14.02 4.77
O6 PE4 J . 16.21 12.79 4.33
C11 PE4 J . 17.09 12.11 3.43
C12 PE4 J . 16.57 10.74 3.34
O7 PE4 J . 16.55 10.18 4.64
C13 PE4 J . 16.10 8.81 4.78
C14 PE4 J . 16.12 8.31 6.27
O8 PE4 J . 14.92 8.87 6.91
C15 PE4 J . 14.63 8.59 8.33
C16 PE4 J . 13.32 9.30 8.70
#